data_7SE6
#
_entry.id   7SE6
#
_cell.length_a   69.145
_cell.length_b   138.186
_cell.length_c   66.551
_cell.angle_alpha   90.000
_cell.angle_beta   90.000
_cell.angle_gamma   90.000
#
_symmetry.space_group_name_H-M   'C 2 2 21'
#
loop_
_entity.id
_entity.type
_entity.pdbx_description
1 polymer "rRNA 2'-O-methyltransferase fibrillarin"
2 non-polymer 'FORMIC ACID'
3 water water
#
_entity_poly.entity_id   1
_entity_poly.type   'polypeptide(L)'
_entity_poly.pdbx_seq_one_letter_code
;SNAGKNVMVEPHRHEGVFICRGKEDALVTKNLVPGESVYGEKRVSISEGDDKIEYRAWNPFRSKLAAAILGGVDQIHIKP
GAKVLYLGAASGTTVSHVSDIVGPDGLVYAVEFSHRSGRDLINLAKKRTNIIPVIEDARHPHKYRMLIAMVDVIFADVAQ
PDQTRIVALNAHTFLRNGGHFVISIKANCIDSTASAEAVFASEVKKMQQENMKPQEQLTLEPYERDHAVVVGVYRPPPKV
KN
;
_entity_poly.pdbx_strand_id   A
#
loop_
_chem_comp.id
_chem_comp.type
_chem_comp.name
_chem_comp.formula
FMT non-polymer 'FORMIC ACID' 'C H2 O2'
#
# COMPACT_ATOMS: atom_id res chain seq x y z
N ASN A 6 -4.84 -28.21 -15.98
CA ASN A 6 -4.58 -27.65 -14.61
C ASN A 6 -4.25 -26.15 -14.61
N VAL A 7 -4.75 -25.44 -13.60
CA VAL A 7 -4.48 -24.01 -13.42
C VAL A 7 -3.50 -23.86 -12.25
N MET A 8 -2.31 -23.37 -12.56
CA MET A 8 -1.31 -23.18 -11.51
C MET A 8 -1.62 -21.96 -10.65
N VAL A 9 -1.62 -20.78 -11.28
CA VAL A 9 -1.87 -19.51 -10.62
C VAL A 9 -3.31 -19.11 -10.90
N GLU A 10 -4.07 -18.85 -9.84
CA GLU A 10 -5.49 -18.54 -9.97
C GLU A 10 -5.80 -17.15 -9.41
N PRO A 11 -6.78 -16.46 -9.99
CA PRO A 11 -7.21 -15.18 -9.41
C PRO A 11 -7.50 -15.35 -7.93
N HIS A 12 -7.01 -14.39 -7.15
CA HIS A 12 -7.39 -14.25 -5.75
C HIS A 12 -8.71 -13.48 -5.67
N ARG A 13 -9.30 -13.50 -4.48
CA ARG A 13 -10.53 -12.73 -4.29
C ARG A 13 -10.31 -11.27 -4.62
N HIS A 14 -9.21 -10.69 -4.14
CA HIS A 14 -8.89 -9.31 -4.49
C HIS A 14 -8.45 -9.23 -5.94
N GLU A 15 -9.14 -8.41 -6.71
CA GLU A 15 -8.76 -8.25 -8.11
C GLU A 15 -7.32 -7.74 -8.22
N GLY A 16 -6.61 -8.25 -9.22
CA GLY A 16 -5.21 -7.97 -9.44
C GLY A 16 -4.24 -8.85 -8.68
N VAL A 17 -4.72 -9.62 -7.72
CA VAL A 17 -3.90 -10.49 -6.87
C VAL A 17 -4.16 -11.94 -7.29
N PHE A 18 -3.15 -12.78 -7.07
CA PHE A 18 -3.16 -14.17 -7.50
C PHE A 18 -2.48 -15.02 -6.44
N ILE A 19 -2.83 -16.30 -6.41
CA ILE A 19 -2.36 -17.24 -5.39
C ILE A 19 -1.95 -18.53 -6.10
N CYS A 20 -0.74 -18.98 -5.80
CA CYS A 20 -0.14 -20.09 -6.52
C CYS A 20 0.04 -21.32 -5.63
N ASP A 25 0.33 -21.89 0.32
CA ASP A 25 -0.33 -20.73 -0.26
C ASP A 25 0.65 -19.57 -0.39
N ALA A 26 1.06 -19.33 -1.63
CA ALA A 26 1.99 -18.27 -1.99
C ALA A 26 1.24 -17.19 -2.77
N LEU A 27 1.28 -15.95 -2.26
CA LEU A 27 0.66 -14.83 -2.95
C LEU A 27 1.56 -14.32 -4.08
N VAL A 28 0.95 -13.93 -5.20
CA VAL A 28 1.74 -13.38 -6.29
C VAL A 28 0.95 -12.30 -7.00
N THR A 29 1.66 -11.40 -7.65
CA THR A 29 1.07 -10.38 -8.51
C THR A 29 1.60 -10.53 -9.92
N LYS A 30 0.77 -10.16 -10.89
CA LYS A 30 1.17 -10.16 -12.30
C LYS A 30 2.23 -9.10 -12.54
N ASN A 31 3.36 -9.52 -13.08
CA ASN A 31 4.51 -8.65 -13.18
C ASN A 31 4.34 -7.60 -14.28
N LEU A 32 4.41 -6.33 -13.88
CA LEU A 32 4.29 -5.24 -14.84
C LEU A 32 5.50 -5.16 -15.76
N VAL A 33 6.67 -5.57 -15.27
CA VAL A 33 7.93 -5.53 -16.02
C VAL A 33 8.47 -6.95 -16.23
N PRO A 34 7.88 -7.76 -17.09
CA PRO A 34 8.35 -9.15 -17.25
C PRO A 34 9.86 -9.24 -17.44
N GLY A 35 10.50 -10.11 -16.67
CA GLY A 35 11.93 -10.30 -16.72
C GLY A 35 12.68 -9.73 -15.55
N GLU A 36 12.08 -8.81 -14.80
CA GLU A 36 12.78 -8.08 -13.75
C GLU A 36 12.24 -8.48 -12.39
N SER A 37 13.14 -8.77 -11.46
CA SER A 37 12.82 -8.79 -10.04
C SER A 37 13.21 -7.42 -9.44
N VAL A 38 12.63 -7.12 -8.29
CA VAL A 38 12.84 -5.85 -7.60
C VAL A 38 13.69 -6.04 -6.35
N TYR A 39 13.35 -7.03 -5.53
CA TYR A 39 14.09 -7.31 -4.31
C TYR A 39 14.52 -8.78 -4.22
N GLY A 40 14.79 -9.40 -5.37
CA GLY A 40 15.19 -10.80 -5.37
C GLY A 40 14.05 -11.77 -5.22
N GLU A 41 12.83 -11.35 -5.52
CA GLU A 41 11.70 -12.25 -5.39
C GLU A 41 11.73 -13.29 -6.51
N LYS A 42 11.29 -14.50 -6.17
CA LYS A 42 11.04 -15.53 -7.17
C LYS A 42 10.01 -15.02 -8.18
N ARG A 43 10.23 -15.36 -9.44
CA ARG A 43 9.32 -15.05 -10.53
C ARG A 43 8.85 -16.35 -11.20
N VAL A 44 7.62 -16.35 -11.71
CA VAL A 44 6.96 -17.55 -12.20
C VAL A 44 6.28 -17.18 -13.52
N SER A 45 6.84 -17.64 -14.64
CA SER A 45 6.28 -17.39 -15.96
C SER A 45 5.58 -18.65 -16.50
N ILE A 46 4.36 -18.47 -16.98
CA ILE A 46 3.51 -19.56 -17.47
C ILE A 46 3.22 -19.27 -18.92
N SER A 47 3.76 -20.09 -19.81
CA SER A 47 3.58 -19.96 -21.25
C SER A 47 2.67 -21.08 -21.75
N GLU A 48 1.67 -20.74 -22.54
CA GLU A 48 0.78 -21.73 -23.14
C GLU A 48 0.43 -21.24 -24.53
N GLY A 49 1.02 -21.87 -25.55
CA GLY A 49 0.80 -21.52 -26.93
C GLY A 49 1.51 -20.24 -27.31
N ASP A 50 0.73 -19.25 -27.76
CA ASP A 50 1.24 -17.92 -28.02
C ASP A 50 1.16 -17.01 -26.80
N ASP A 51 0.36 -17.38 -25.81
CA ASP A 51 0.20 -16.58 -24.61
C ASP A 51 1.36 -16.76 -23.64
N LYS A 52 1.54 -15.77 -22.77
CA LYS A 52 2.61 -15.77 -21.78
C LYS A 52 2.28 -14.74 -20.71
N ILE A 53 2.47 -15.12 -19.45
CA ILE A 53 2.17 -14.24 -18.32
C ILE A 53 3.13 -14.58 -17.18
N GLU A 54 3.82 -13.57 -16.67
CA GLU A 54 4.75 -13.72 -15.57
C GLU A 54 4.16 -13.15 -14.27
N TYR A 55 4.45 -13.83 -13.17
CA TYR A 55 4.02 -13.41 -11.86
C TYR A 55 5.25 -13.22 -10.97
N ARG A 56 5.06 -12.51 -9.86
CA ARG A 56 6.10 -12.15 -8.93
C ARG A 56 5.65 -12.60 -7.54
N ALA A 57 6.53 -13.29 -6.82
CA ALA A 57 6.23 -13.70 -5.47
C ALA A 57 6.18 -12.47 -4.55
N TRP A 58 5.21 -12.48 -3.64
CA TRP A 58 4.86 -11.36 -2.76
C TRP A 58 5.11 -11.87 -1.35
N ASN A 59 6.20 -11.48 -0.74
CA ASN A 59 6.60 -12.08 0.52
C ASN A 59 5.90 -11.42 1.71
N PRO A 60 5.10 -12.16 2.50
CA PRO A 60 4.37 -11.52 3.60
C PRO A 60 5.25 -11.15 4.78
N PHE A 61 6.46 -11.68 4.87
CA PHE A 61 7.38 -11.24 5.90
C PHE A 61 8.08 -9.93 5.53
N ARG A 62 7.93 -9.46 4.29
CA ARG A 62 8.52 -8.19 3.87
C ARG A 62 7.49 -7.14 3.50
N SER A 63 6.24 -7.51 3.32
CA SER A 63 5.20 -6.61 2.87
C SER A 63 4.01 -6.76 3.80
N LYS A 64 3.69 -5.70 4.54
CA LYS A 64 2.55 -5.69 5.44
C LYS A 64 1.26 -5.92 4.67
N LEU A 65 1.17 -5.38 3.44
CA LEU A 65 -0.05 -5.59 2.65
C LEU A 65 -0.28 -7.07 2.33
N ALA A 66 0.79 -7.77 1.94
CA ALA A 66 0.68 -9.21 1.69
C ALA A 66 0.28 -9.94 2.96
N ALA A 67 0.90 -9.55 4.09
CA ALA A 67 0.55 -10.19 5.36
C ALA A 67 -0.93 -9.96 5.67
N ALA A 68 -1.48 -8.78 5.35
CA ALA A 68 -2.90 -8.53 5.60
C ALA A 68 -3.78 -9.38 4.67
N ILE A 69 -3.38 -9.53 3.40
CA ILE A 69 -4.16 -10.33 2.46
C ILE A 69 -4.22 -11.79 2.93
N LEU A 70 -3.06 -12.39 3.21
CA LEU A 70 -3.07 -13.76 3.71
C LEU A 70 -3.73 -13.86 5.09
N GLY A 71 -3.79 -12.78 5.85
CA GLY A 71 -4.51 -12.79 7.11
C GLY A 71 -6.02 -12.66 6.99
N GLY A 72 -6.51 -12.57 5.76
CA GLY A 72 -7.93 -12.45 5.52
C GLY A 72 -8.55 -11.07 5.73
N VAL A 73 -7.99 -10.05 5.08
CA VAL A 73 -8.61 -8.73 5.01
C VAL A 73 -9.70 -8.78 3.95
N ASP A 74 -10.83 -8.13 4.22
CA ASP A 74 -11.97 -8.24 3.31
C ASP A 74 -11.77 -7.43 2.04
N GLN A 75 -11.28 -6.20 2.17
CA GLN A 75 -11.04 -5.33 1.02
C GLN A 75 -9.68 -4.66 1.14
N ILE A 76 -9.03 -4.50 0.00
CA ILE A 76 -7.81 -3.70 -0.07
C ILE A 76 -7.99 -2.42 -0.89
N HIS A 77 -8.98 -2.37 -1.80
CA HIS A 77 -9.37 -1.19 -2.57
C HIS A 77 -8.33 -0.82 -3.64
N ILE A 78 -7.05 -1.00 -3.34
CA ILE A 78 -6.02 -1.08 -4.38
C ILE A 78 -6.49 -2.13 -5.37
N LYS A 79 -6.77 -1.71 -6.60
CA LYS A 79 -7.31 -2.59 -7.63
C LYS A 79 -6.93 -2.05 -8.99
N PRO A 80 -7.11 -2.87 -10.05
CA PRO A 80 -6.79 -2.42 -11.40
C PRO A 80 -7.37 -1.09 -11.80
N GLY A 81 -6.52 -0.14 -12.19
CA GLY A 81 -6.91 1.20 -12.57
C GLY A 81 -6.96 2.20 -11.45
N ALA A 82 -6.63 1.80 -10.23
CA ALA A 82 -6.78 2.67 -9.10
C ALA A 82 -5.65 3.70 -9.06
N LYS A 83 -5.98 4.87 -8.56
CA LYS A 83 -5.00 5.90 -8.23
C LYS A 83 -4.70 5.81 -6.74
N VAL A 84 -3.44 5.53 -6.41
CA VAL A 84 -3.02 5.23 -5.03
C VAL A 84 -1.95 6.24 -4.62
N LEU A 85 -2.17 6.89 -3.48
CA LEU A 85 -1.14 7.65 -2.80
C LEU A 85 -0.53 6.77 -1.72
N TYR A 86 0.76 6.42 -1.89
CA TYR A 86 1.49 5.57 -0.95
C TYR A 86 2.44 6.41 -0.11
N LEU A 87 2.12 6.53 1.14
CA LEU A 87 2.97 7.21 2.11
C LEU A 87 3.87 6.22 2.82
N GLY A 88 5.16 6.51 2.82
CA GLY A 88 6.18 5.70 3.43
C GLY A 88 6.69 4.64 2.48
N ALA A 89 6.92 5.02 1.21
CA ALA A 89 7.21 4.04 0.15
C ALA A 89 8.52 3.28 0.36
N ALA A 90 9.39 3.77 1.27
CA ALA A 90 10.62 3.07 1.62
C ALA A 90 11.37 2.83 0.31
N SER A 91 11.80 1.59 0.01
CA SER A 91 12.59 1.33 -1.20
C SER A 91 11.77 0.79 -2.36
N GLY A 92 10.48 0.53 -2.15
CA GLY A 92 9.59 0.15 -3.20
C GLY A 92 9.10 -1.29 -3.16
N THR A 93 9.44 -2.06 -2.12
CA THR A 93 9.07 -3.48 -1.99
C THR A 93 7.57 -3.63 -2.19
N THR A 94 6.75 -3.13 -1.22
CA THR A 94 5.29 -3.18 -1.37
C THR A 94 4.81 -2.30 -2.54
N VAL A 95 5.40 -1.14 -2.71
CA VAL A 95 4.97 -0.31 -3.83
C VAL A 95 5.04 -1.09 -5.17
N SER A 96 6.10 -1.88 -5.38
CA SER A 96 6.21 -2.62 -6.66
C SER A 96 5.00 -3.51 -6.89
N HIS A 97 4.50 -4.17 -5.83
CA HIS A 97 3.32 -5.01 -6.00
C HIS A 97 2.05 -4.16 -6.16
N VAL A 98 1.94 -3.03 -5.46
CA VAL A 98 0.83 -2.11 -5.75
C VAL A 98 0.87 -1.68 -7.22
N SER A 99 2.06 -1.44 -7.74
CA SER A 99 2.17 -1.05 -9.15
C SER A 99 1.64 -2.15 -10.06
N ASP A 100 1.94 -3.42 -9.76
CA ASP A 100 1.39 -4.53 -10.54
C ASP A 100 -0.14 -4.55 -10.48
N ILE A 101 -0.69 -4.39 -9.28
CA ILE A 101 -2.14 -4.50 -9.11
C ILE A 101 -2.85 -3.40 -9.88
N VAL A 102 -2.37 -2.17 -9.79
CA VAL A 102 -3.17 -1.08 -10.35
C VAL A 102 -3.03 -1.11 -11.86
N GLY A 103 -1.87 -1.50 -12.35
CA GLY A 103 -1.70 -1.74 -13.76
C GLY A 103 -1.38 -0.50 -14.55
N PRO A 104 -1.30 -0.63 -15.88
CA PRO A 104 -0.87 0.52 -16.72
C PRO A 104 -1.83 1.68 -16.68
N ASP A 105 -3.12 1.42 -16.43
CA ASP A 105 -4.09 2.49 -16.32
C ASP A 105 -4.23 3.04 -14.91
N GLY A 106 -3.56 2.45 -13.93
CA GLY A 106 -3.57 2.94 -12.58
C GLY A 106 -2.39 3.86 -12.33
N LEU A 107 -2.23 4.25 -11.07
CA LEU A 107 -1.19 5.21 -10.71
C LEU A 107 -0.84 5.02 -9.25
N VAL A 108 0.45 5.09 -8.93
CA VAL A 108 0.97 4.96 -7.59
C VAL A 108 1.93 6.10 -7.35
N TYR A 109 1.50 7.08 -6.51
CA TYR A 109 2.41 8.09 -6.02
C TYR A 109 3.15 7.49 -4.84
N ALA A 110 4.46 7.49 -4.88
CA ALA A 110 5.32 6.83 -3.91
C ALA A 110 6.08 7.93 -3.19
N VAL A 111 5.53 8.33 -2.04
CA VAL A 111 6.13 9.36 -1.21
C VAL A 111 7.06 8.71 -0.20
N GLU A 112 8.32 9.17 -0.17
CA GLU A 112 9.29 8.72 0.83
C GLU A 112 10.26 9.86 1.14
N PHE A 113 10.51 10.09 2.43
CA PHE A 113 11.41 11.17 2.83
C PHE A 113 12.86 10.85 2.49
N SER A 114 13.34 9.68 2.90
CA SER A 114 14.74 9.34 2.72
C SER A 114 15.14 9.34 1.24
N HIS A 115 16.26 10.00 0.94
CA HIS A 115 16.80 10.04 -0.42
C HIS A 115 17.62 8.80 -0.77
N ARG A 116 18.01 8.01 0.23
CA ARG A 116 18.61 6.70 -0.06
C ARG A 116 17.57 5.76 -0.65
N SER A 117 16.51 5.47 0.12
CA SER A 117 15.38 4.71 -0.44
C SER A 117 14.82 5.40 -1.66
N GLY A 118 14.84 6.75 -1.67
CA GLY A 118 14.41 7.51 -2.84
C GLY A 118 15.08 7.08 -4.15
N ARG A 119 16.37 6.78 -4.09
CA ARG A 119 17.06 6.35 -5.31
C ARG A 119 16.61 4.95 -5.75
N ASP A 120 16.39 4.02 -4.81
CA ASP A 120 15.77 2.73 -5.19
C ASP A 120 14.42 2.95 -5.86
N LEU A 121 13.59 3.86 -5.30
CA LEU A 121 12.29 4.17 -5.86
C LEU A 121 12.42 4.74 -7.27
N ILE A 122 13.39 5.64 -7.50
CA ILE A 122 13.57 6.23 -8.83
C ILE A 122 13.95 5.15 -9.83
N ASN A 123 14.85 4.26 -9.45
CA ASN A 123 15.16 3.14 -10.33
C ASN A 123 13.95 2.26 -10.58
N LEU A 124 13.16 1.97 -9.53
CA LEU A 124 11.96 1.16 -9.76
C LEU A 124 11.02 1.84 -10.74
N ALA A 125 10.86 3.15 -10.62
CA ALA A 125 9.91 3.89 -11.47
C ALA A 125 10.39 4.02 -12.92
N LYS A 126 11.69 3.95 -13.17
CA LYS A 126 12.15 3.97 -14.56
C LYS A 126 11.49 2.86 -15.37
N LYS A 127 11.39 1.66 -14.77
CA LYS A 127 10.73 0.53 -15.41
C LYS A 127 9.20 0.66 -15.41
N ARG A 128 8.63 1.20 -14.33
CA ARG A 128 7.18 1.20 -14.15
C ARG A 128 6.67 2.61 -14.42
N THR A 129 5.94 2.77 -15.52
CA THR A 129 5.46 4.09 -15.86
C THR A 129 4.43 4.60 -14.85
N ASN A 130 3.77 3.69 -14.12
CA ASN A 130 2.66 4.05 -13.24
C ASN A 130 3.11 4.43 -11.84
N ILE A 131 4.41 4.55 -11.61
CA ILE A 131 4.95 5.01 -10.35
C ILE A 131 5.52 6.42 -10.55
N ILE A 132 5.08 7.32 -9.67
CA ILE A 132 5.64 8.67 -9.53
C ILE A 132 6.40 8.71 -8.20
N PRO A 133 7.75 8.80 -8.22
CA PRO A 133 8.48 8.95 -6.95
C PRO A 133 8.31 10.40 -6.51
N VAL A 134 7.97 10.59 -5.24
CA VAL A 134 7.79 11.92 -4.64
C VAL A 134 8.67 11.89 -3.41
N ILE A 135 9.89 12.40 -3.56
CA ILE A 135 10.89 12.33 -2.49
C ILE A 135 10.72 13.62 -1.71
N GLU A 136 9.76 13.58 -0.80
CA GLU A 136 9.38 14.73 0.01
C GLU A 136 8.90 14.22 1.36
N ASP A 137 8.69 15.18 2.26
CA ASP A 137 8.23 14.92 3.62
C ASP A 137 6.70 14.90 3.62
N ALA A 138 6.12 13.74 3.92
CA ALA A 138 4.65 13.67 3.91
C ALA A 138 3.99 14.64 4.91
N ARG A 139 4.77 15.25 5.80
CA ARG A 139 4.18 16.20 6.72
C ARG A 139 3.75 17.49 6.04
N HIS A 140 4.24 17.76 4.82
CA HIS A 140 4.07 19.06 4.18
C HIS A 140 3.58 18.86 2.76
N PRO A 141 2.31 18.48 2.63
CA PRO A 141 1.71 18.23 1.32
C PRO A 141 1.74 19.43 0.42
N HIS A 142 1.84 20.64 0.99
CA HIS A 142 1.87 21.85 0.17
C HIS A 142 3.06 21.79 -0.78
N LYS A 143 4.15 21.17 -0.36
CA LYS A 143 5.35 21.13 -1.20
C LYS A 143 5.14 20.30 -2.47
N TYR A 144 4.16 19.37 -2.51
CA TYR A 144 4.00 18.49 -3.65
C TYR A 144 2.58 18.36 -4.14
N ARG A 145 1.66 19.21 -3.70
CA ARG A 145 0.26 18.96 -4.07
C ARG A 145 -0.02 19.23 -5.55
N MET A 146 0.83 20.00 -6.23
CA MET A 146 0.62 20.27 -7.66
C MET A 146 0.95 19.05 -8.54
N LEU A 147 1.63 18.05 -7.97
CA LEU A 147 1.95 16.79 -8.62
C LEU A 147 0.91 15.68 -8.39
N ILE A 148 0.00 15.81 -7.43
CA ILE A 148 -0.87 14.71 -7.01
C ILE A 148 -2.29 15.00 -7.48
N ALA A 149 -2.75 14.27 -8.47
CA ALA A 149 -4.14 14.25 -8.86
C ALA A 149 -4.91 13.52 -7.75
N MET A 150 -6.22 13.75 -7.68
N MET A 150 -6.22 13.74 -7.70
CA MET A 150 -7.04 13.16 -6.61
CA MET A 150 -7.04 13.13 -6.65
C MET A 150 -7.02 11.64 -6.69
C MET A 150 -6.98 11.62 -6.71
N VAL A 151 -6.72 11.00 -5.57
CA VAL A 151 -6.52 9.55 -5.53
C VAL A 151 -7.76 8.85 -5.00
N ASP A 152 -7.87 7.57 -5.36
CA ASP A 152 -8.92 6.70 -4.84
C ASP A 152 -8.53 6.07 -3.50
N VAL A 153 -7.24 5.80 -3.27
CA VAL A 153 -6.79 5.11 -2.06
C VAL A 153 -5.55 5.80 -1.52
N ILE A 154 -5.48 5.90 -0.20
CA ILE A 154 -4.24 6.18 0.48
C ILE A 154 -3.82 4.89 1.17
N PHE A 155 -2.61 4.45 0.87
CA PHE A 155 -1.94 3.38 1.62
C PHE A 155 -0.85 4.06 2.45
N ALA A 156 -0.83 3.80 3.75
CA ALA A 156 0.19 4.44 4.58
C ALA A 156 0.95 3.46 5.46
N ASP A 157 2.26 3.63 5.44
CA ASP A 157 3.19 2.89 6.26
C ASP A 157 4.34 3.80 6.67
N VAL A 158 4.01 4.90 7.35
CA VAL A 158 5.07 5.89 7.57
C VAL A 158 5.89 5.58 8.83
N ALA A 159 5.29 4.93 9.83
CA ALA A 159 5.98 4.48 11.05
C ALA A 159 6.53 5.69 11.84
N GLN A 160 5.59 6.45 12.38
CA GLN A 160 5.91 7.66 13.13
C GLN A 160 4.82 7.76 14.18
N PRO A 161 5.10 8.40 15.32
CA PRO A 161 4.03 8.64 16.31
C PRO A 161 2.88 9.51 15.78
N ASP A 162 3.16 10.47 14.89
CA ASP A 162 2.11 11.34 14.34
C ASP A 162 1.65 10.89 12.96
N GLN A 163 2.01 9.66 12.57
CA GLN A 163 1.55 9.05 11.32
C GLN A 163 0.09 9.41 11.02
N THR A 164 -0.82 9.27 12.00
CA THR A 164 -2.23 9.35 11.66
C THR A 164 -2.63 10.77 11.23
N ARG A 165 -2.07 11.79 11.89
CA ARG A 165 -2.32 13.18 11.50
C ARG A 165 -1.73 13.48 10.11
N ILE A 166 -0.49 13.05 9.87
CA ILE A 166 0.08 13.04 8.52
C ILE A 166 -0.88 12.40 7.50
N VAL A 167 -1.32 11.18 7.77
CA VAL A 167 -2.20 10.53 6.81
C VAL A 167 -3.45 11.37 6.60
N ALA A 168 -4.05 11.84 7.70
CA ALA A 168 -5.28 12.62 7.59
C ALA A 168 -5.05 13.91 6.78
N LEU A 169 -3.94 14.59 7.02
CA LEU A 169 -3.56 15.75 6.24
C LEU A 169 -3.48 15.46 4.75
N ASN A 170 -2.97 14.28 4.38
CA ASN A 170 -2.91 13.95 2.96
C ASN A 170 -4.26 13.55 2.43
N ALA A 171 -5.11 12.99 3.28
CA ALA A 171 -6.44 12.59 2.84
C ALA A 171 -7.30 13.80 2.55
N HIS A 172 -7.14 14.84 3.36
CA HIS A 172 -7.96 16.02 3.19
C HIS A 172 -7.65 16.67 1.85
N THR A 173 -6.37 16.66 1.51
CA THR A 173 -5.86 17.30 0.31
C THR A 173 -6.13 16.51 -0.95
N PHE A 174 -6.00 15.17 -0.87
CA PHE A 174 -5.84 14.31 -2.01
C PHE A 174 -6.89 13.23 -2.17
N LEU A 175 -7.56 12.80 -1.09
CA LEU A 175 -8.41 11.63 -1.20
C LEU A 175 -9.80 12.08 -1.61
N ARG A 176 -10.37 11.42 -2.59
CA ARG A 176 -11.71 11.72 -3.05
C ARG A 176 -12.72 11.27 -1.97
N ASN A 177 -13.88 11.93 -1.92
CA ASN A 177 -14.91 11.49 -1.00
C ASN A 177 -15.40 10.10 -1.39
N GLY A 178 -15.58 9.25 -0.37
CA GLY A 178 -15.87 7.86 -0.61
C GLY A 178 -14.66 7.08 -1.05
N GLY A 179 -13.47 7.72 -0.99
CA GLY A 179 -12.24 7.01 -1.23
C GLY A 179 -11.76 6.30 0.00
N HIS A 180 -10.88 5.33 -0.18
CA HIS A 180 -10.53 4.48 0.95
C HIS A 180 -9.08 4.69 1.38
N PHE A 181 -8.79 4.14 2.55
CA PHE A 181 -7.47 4.11 3.13
C PHE A 181 -7.14 2.73 3.70
N VAL A 182 -5.83 2.48 3.71
CA VAL A 182 -5.24 1.24 4.20
C VAL A 182 -3.99 1.69 4.97
N ILE A 183 -4.04 1.56 6.30
CA ILE A 183 -3.04 2.12 7.19
C ILE A 183 -2.42 1.01 7.99
N SER A 184 -1.12 0.96 7.95
CA SER A 184 -0.30 -0.01 8.68
C SER A 184 0.21 0.68 9.93
N ILE A 185 0.04 0.03 11.07
CA ILE A 185 0.36 0.63 12.36
C ILE A 185 1.23 -0.31 13.17
N LYS A 186 2.49 0.09 13.35
CA LYS A 186 3.43 -0.62 14.22
C LYS A 186 3.34 0.02 15.60
N ALA A 187 2.81 -0.74 16.58
CA ALA A 187 2.45 -0.16 17.86
C ALA A 187 3.65 0.45 18.55
N ASN A 188 4.75 -0.27 18.65
CA ASN A 188 5.84 0.33 19.44
C ASN A 188 6.59 1.48 18.70
N CYS A 189 6.22 1.80 17.45
CA CYS A 189 6.72 3.01 16.82
C CYS A 189 5.85 4.21 17.17
N ILE A 190 4.56 3.98 17.39
CA ILE A 190 3.69 5.05 17.83
C ILE A 190 3.95 5.34 19.32
N ASP A 191 4.04 4.29 20.15
CA ASP A 191 4.29 4.50 21.58
C ASP A 191 4.71 3.19 22.23
N SER A 192 6.05 3.02 22.39
CA SER A 192 6.55 1.76 22.87
C SER A 192 6.17 1.44 24.32
N THR A 193 5.68 2.42 25.10
CA THR A 193 5.26 2.19 26.47
C THR A 193 3.74 1.99 26.64
N ALA A 194 2.98 2.00 25.55
CA ALA A 194 1.59 1.59 25.57
C ALA A 194 1.48 0.18 25.03
N SER A 195 0.41 -0.52 25.43
CA SER A 195 0.12 -1.84 24.90
C SER A 195 -0.36 -1.67 23.49
N ALA A 196 -0.26 -2.71 22.70
CA ALA A 196 -0.67 -2.65 21.31
C ALA A 196 -2.14 -2.31 21.20
N GLU A 197 -2.99 -2.86 22.10
CA GLU A 197 -4.42 -2.53 22.10
C GLU A 197 -4.66 -1.05 22.39
N ALA A 198 -3.91 -0.48 23.32
CA ALA A 198 -4.07 0.94 23.61
C ALA A 198 -3.66 1.82 22.41
N VAL A 199 -2.56 1.47 21.71
CA VAL A 199 -2.21 2.21 20.47
C VAL A 199 -3.30 2.07 19.42
N PHE A 200 -3.64 0.86 19.05
CA PHE A 200 -4.59 0.67 17.96
C PHE A 200 -5.91 1.37 18.22
N ALA A 201 -6.43 1.25 19.44
CA ALA A 201 -7.66 1.97 19.79
C ALA A 201 -7.48 3.49 19.67
N SER A 202 -6.38 4.02 20.18
CA SER A 202 -6.08 5.44 20.08
C SER A 202 -6.02 5.91 18.62
N GLU A 203 -5.26 5.17 17.78
CA GLU A 203 -5.12 5.56 16.37
C GLU A 203 -6.45 5.47 15.63
N VAL A 204 -7.23 4.42 15.89
CA VAL A 204 -8.54 4.30 15.24
C VAL A 204 -9.45 5.46 15.64
N LYS A 205 -9.39 5.86 16.90
CA LYS A 205 -10.21 6.98 17.33
C LYS A 205 -9.87 8.24 16.55
N LYS A 206 -8.58 8.59 16.49
CA LYS A 206 -8.11 9.75 15.72
C LYS A 206 -8.58 9.71 14.26
N MET A 207 -8.40 8.58 13.60
CA MET A 207 -8.95 8.41 12.27
C MET A 207 -10.40 8.87 12.19
N GLN A 208 -11.26 8.29 13.07
CA GLN A 208 -12.69 8.58 13.06
C GLN A 208 -12.96 10.06 13.23
N GLN A 209 -12.13 10.73 14.01
CA GLN A 209 -12.25 12.14 14.24
C GLN A 209 -11.93 12.97 13.01
N GLU A 210 -11.16 12.41 12.06
CA GLU A 210 -10.83 13.07 10.80
C GLU A 210 -11.64 12.50 9.64
N ASN A 211 -12.80 11.92 9.92
CA ASN A 211 -13.73 11.39 8.92
C ASN A 211 -13.14 10.22 8.16
N MET A 212 -12.05 9.66 8.65
CA MET A 212 -11.56 8.38 8.14
C MET A 212 -12.22 7.28 8.97
N LYS A 213 -13.29 6.68 8.43
CA LYS A 213 -14.13 5.70 9.11
C LYS A 213 -13.58 4.28 8.97
N PRO A 214 -12.95 3.74 10.02
CA PRO A 214 -12.45 2.37 9.94
C PRO A 214 -13.60 1.42 9.68
N GLN A 215 -13.42 0.55 8.69
CA GLN A 215 -14.38 -0.46 8.34
C GLN A 215 -13.93 -1.86 8.76
N GLU A 216 -12.63 -2.05 9.00
CA GLU A 216 -12.09 -3.31 9.46
C GLU A 216 -10.65 -3.11 9.91
N GLN A 217 -10.22 -4.01 10.78
CA GLN A 217 -8.89 -3.98 11.35
C GLN A 217 -8.48 -5.42 11.63
N LEU A 218 -7.18 -5.65 11.61
CA LEU A 218 -6.61 -6.96 11.83
C LEU A 218 -5.15 -6.75 12.19
N THR A 219 -4.61 -7.70 12.95
CA THR A 219 -3.20 -7.78 13.28
C THR A 219 -2.58 -8.78 12.32
N LEU A 220 -1.25 -8.87 12.37
CA LEU A 220 -0.50 -9.49 11.28
C LEU A 220 0.31 -10.70 11.71
N GLU A 221 -0.06 -11.36 12.79
CA GLU A 221 0.65 -12.57 13.20
C GLU A 221 0.36 -13.67 12.16
N PRO A 222 1.33 -14.53 11.86
CA PRO A 222 2.67 -14.71 12.43
C PRO A 222 3.78 -13.91 11.78
N TYR A 223 3.43 -13.10 10.79
CA TYR A 223 4.45 -12.36 10.05
C TYR A 223 5.03 -11.21 10.84
N GLU A 224 4.23 -10.54 11.67
CA GLU A 224 4.68 -9.38 12.43
C GLU A 224 4.01 -9.35 13.80
N ARG A 225 4.71 -8.82 14.80
CA ARG A 225 4.14 -8.73 16.13
C ARG A 225 3.65 -7.32 16.42
N ASP A 226 2.49 -7.23 17.08
CA ASP A 226 1.89 -5.97 17.46
C ASP A 226 1.94 -4.97 16.30
N HIS A 227 1.37 -5.43 15.20
CA HIS A 227 1.30 -4.70 13.94
C HIS A 227 -0.12 -4.88 13.39
N ALA A 228 -0.83 -3.77 13.22
CA ALA A 228 -2.20 -3.77 12.71
C ALA A 228 -2.27 -3.18 11.31
N VAL A 229 -3.28 -3.58 10.55
CA VAL A 229 -3.73 -2.90 9.32
C VAL A 229 -5.19 -2.51 9.53
N VAL A 230 -5.49 -1.24 9.30
CA VAL A 230 -6.82 -0.69 9.36
C VAL A 230 -7.21 -0.25 7.96
N VAL A 231 -8.33 -0.77 7.48
CA VAL A 231 -8.95 -0.40 6.20
C VAL A 231 -10.24 0.37 6.50
N GLY A 232 -10.50 1.38 5.67
CA GLY A 232 -11.66 2.23 5.91
C GLY A 232 -12.05 3.11 4.72
N VAL A 233 -12.89 4.10 5.02
CA VAL A 233 -13.49 4.98 4.02
C VAL A 233 -13.46 6.41 4.51
N TYR A 234 -13.13 7.32 3.62
CA TYR A 234 -13.12 8.75 3.86
C TYR A 234 -14.50 9.28 3.48
N ARG A 235 -15.19 9.91 4.43
N ARG A 235 -15.20 9.89 4.44
CA ARG A 235 -16.52 10.49 4.23
CA ARG A 235 -16.52 10.49 4.22
C ARG A 235 -16.53 11.88 4.84
C ARG A 235 -16.51 11.88 4.83
N PRO A 236 -15.85 12.83 4.20
CA PRO A 236 -15.66 14.18 4.81
C PRO A 236 -16.92 15.02 4.81
N PRO A 237 -16.90 16.12 5.57
CA PRO A 237 -18.08 17.01 5.69
C PRO A 237 -18.32 17.84 4.44
N PRO A 238 -19.39 18.65 4.40
CA PRO A 238 -19.61 19.56 3.27
C PRO A 238 -19.06 20.97 3.55
C FMT B . -14.03 1.25 15.38
O1 FMT B . -15.06 1.85 15.00
O2 FMT B . -13.59 0.28 14.73
H FMT B . -13.61 1.46 16.37
HO2 FMT B . -12.93 -0.32 15.13
#